data_7EKZ
#
_entry.id   7EKZ
#
_cell.length_a   47.100
_cell.length_b   49.590
_cell.length_c   77.094
_cell.angle_alpha   90.000
_cell.angle_beta   90.000
_cell.angle_gamma   90.000
#
_symmetry.space_group_name_H-M   'P 21 21 21'
#
loop_
_entity.id
_entity.type
_entity.pdbx_description
1 polymer HALT-1
2 non-polymer 'FORMIC ACID'
3 non-polymer GLYCEROL
4 water water
#
_entity_poly.entity_id   1
_entity_poly.type   'polypeptide(L)'
_entity_poly.pdbx_seq_one_letter_code
;MGSSHHHHHHSSGLVPRGSHMASGAALGVIAKVGVDAALQQIDDVWKGKTVRYWKCAVENRSSKTLYALGTTQESGSMTT
VFADIPPKSTGVFVWE(ALY)SRGAAKGAVGVVHYKYGNKVLNIMASIPYDWNLYKAWANVHLSDHKESFSDLYKGKNGA
KYPTRAGNWGEVDGTKFFLTEKSHAEFKVIFSG
;
_entity_poly.pdbx_strand_id   A
#
loop_
_chem_comp.id
_chem_comp.type
_chem_comp.name
_chem_comp.formula
FMT non-polymer 'FORMIC ACID' 'C H2 O2'
GOL non-polymer GLYCEROL 'C3 H8 O3'
#
# COMPACT_ATOMS: atom_id res chain seq x y z
N GLY A 24 1.88 -17.69 7.65
CA GLY A 24 1.05 -16.63 7.09
C GLY A 24 1.83 -15.79 6.12
N ALA A 25 3.02 -15.30 6.51
CA ALA A 25 3.69 -14.36 5.63
C ALA A 25 3.78 -14.90 4.18
N ALA A 26 4.06 -16.18 4.02
CA ALA A 26 4.22 -16.77 2.70
C ALA A 26 2.90 -16.75 1.97
N LEU A 27 1.77 -16.66 2.69
CA LEU A 27 0.42 -16.61 2.07
C LEU A 27 -0.03 -15.19 1.81
N GLY A 28 0.79 -14.21 2.27
CA GLY A 28 0.43 -12.80 2.05
C GLY A 28 -0.45 -12.18 3.15
N VAL A 29 -0.72 -12.92 4.21
CA VAL A 29 -1.66 -12.46 5.26
C VAL A 29 -1.35 -13.17 6.60
N ILE A 30 -1.30 -12.36 7.67
CA ILE A 30 -0.87 -12.82 8.97
C ILE A 30 -1.92 -12.43 10.02
N ALA A 31 -2.33 -13.42 10.78
CA ALA A 31 -3.31 -13.19 11.80
C ALA A 31 -2.70 -12.53 13.02
N LYS A 32 -3.51 -11.69 13.64
N LYS A 32 -3.49 -11.72 13.69
CA LYS A 32 -3.30 -11.13 15.01
CA LYS A 32 -3.17 -11.29 15.07
C LYS A 32 -2.34 -9.91 15.11
C LYS A 32 -1.86 -10.56 15.25
N VAL A 33 -1.35 -9.89 14.22
CA VAL A 33 -0.27 -8.97 14.34
C VAL A 33 -0.68 -7.66 13.69
N GLY A 34 -0.03 -6.60 14.15
CA GLY A 34 -0.20 -5.29 13.55
C GLY A 34 0.85 -5.05 12.51
N VAL A 35 0.86 -3.84 11.96
CA VAL A 35 1.69 -3.49 10.80
C VAL A 35 3.16 -3.68 11.10
N ASP A 36 3.65 -3.29 12.29
CA ASP A 36 5.11 -3.37 12.50
C ASP A 36 5.65 -4.81 12.47
N ALA A 37 4.96 -5.69 13.18
CA ALA A 37 5.38 -7.06 13.25
C ALA A 37 5.21 -7.77 11.87
N ALA A 38 4.14 -7.43 11.17
CA ALA A 38 3.92 -7.98 9.86
C ALA A 38 5.01 -7.62 8.85
N LEU A 39 5.43 -6.33 8.88
CA LEU A 39 6.54 -5.91 7.99
C LEU A 39 7.80 -6.72 8.18
N GLN A 40 8.07 -7.05 9.45
CA GLN A 40 9.26 -7.81 9.80
C GLN A 40 9.25 -9.17 9.19
N GLN A 41 8.07 -9.78 9.01
CA GLN A 41 8.00 -11.15 8.55
C GLN A 41 8.20 -11.21 7.03
N ILE A 42 8.16 -10.08 6.32
CA ILE A 42 8.28 -10.13 4.83
C ILE A 42 9.64 -10.68 4.35
N ASP A 43 10.73 -10.28 4.98
CA ASP A 43 12.01 -10.62 4.40
C ASP A 43 12.25 -12.10 4.28
N ASP A 44 11.66 -12.89 5.16
CA ASP A 44 11.89 -14.33 5.14
C ASP A 44 11.27 -15.07 3.96
N VAL A 45 10.30 -14.39 3.34
CA VAL A 45 9.55 -14.97 2.26
C VAL A 45 9.62 -14.20 0.95
N TRP A 46 10.47 -13.18 0.88
CA TRP A 46 10.62 -12.36 -0.30
C TRP A 46 12.08 -12.06 -0.49
N LYS A 47 12.55 -12.12 -1.71
CA LYS A 47 13.96 -11.76 -1.95
C LYS A 47 14.11 -10.34 -2.55
N GLY A 48 13.79 -10.27 -3.86
CA GLY A 48 13.87 -9.09 -4.69
C GLY A 48 15.24 -8.63 -5.07
N LYS A 49 15.41 -8.09 -6.28
CA LYS A 49 16.69 -7.57 -6.71
C LYS A 49 16.63 -6.22 -7.36
N THR A 50 15.51 -5.54 -7.23
CA THR A 50 15.31 -4.18 -7.74
C THR A 50 15.70 -3.18 -6.66
N VAL A 51 16.14 -2.05 -7.11
CA VAL A 51 16.67 -1.00 -6.18
C VAL A 51 15.62 -0.03 -5.70
N ARG A 52 14.36 -0.13 -6.12
CA ARG A 52 13.25 0.67 -5.57
C ARG A 52 12.11 -0.27 -5.31
N TYR A 53 11.62 -0.24 -4.08
CA TYR A 53 10.45 -1.01 -3.68
C TYR A 53 9.84 -0.47 -2.44
N TRP A 54 8.59 -0.88 -2.21
CA TRP A 54 7.98 -0.70 -0.96
C TRP A 54 7.28 -1.93 -0.45
N LYS A 55 7.67 -2.38 0.72
CA LYS A 55 6.96 -3.39 1.47
CA LYS A 55 7.00 -3.38 1.50
C LYS A 55 5.69 -2.74 2.01
N CYS A 56 4.60 -3.52 2.12
CA CYS A 56 3.33 -2.98 2.60
C CYS A 56 2.71 -3.89 3.61
N ALA A 57 2.14 -3.35 4.67
CA ALA A 57 1.29 -4.03 5.57
C ALA A 57 -0.01 -3.31 5.70
N VAL A 58 -1.12 -4.02 5.54
CA VAL A 58 -2.47 -3.49 5.64
C VAL A 58 -3.19 -4.22 6.77
N GLU A 59 -3.34 -3.51 7.90
CA GLU A 59 -3.88 -4.03 9.09
C GLU A 59 -5.38 -3.76 9.07
N ASN A 60 -6.15 -4.83 9.09
CA ASN A 60 -7.58 -4.76 9.06
C ASN A 60 -8.16 -4.87 10.43
N ARG A 61 -8.52 -3.70 10.96
CA ARG A 61 -9.18 -3.61 12.23
CA ARG A 61 -9.19 -3.68 12.28
C ARG A 61 -10.68 -3.42 12.07
N SER A 62 -11.17 -3.47 10.83
CA SER A 62 -12.60 -3.32 10.56
C SER A 62 -13.34 -4.60 10.88
N SER A 63 -14.62 -4.56 10.63
CA SER A 63 -15.53 -5.69 10.86
C SER A 63 -15.76 -6.55 9.63
N LYS A 64 -15.05 -6.24 8.52
CA LYS A 64 -15.31 -6.97 7.31
C LYS A 64 -13.99 -7.44 6.72
N THR A 65 -14.02 -8.52 5.95
CA THR A 65 -12.87 -8.91 5.20
C THR A 65 -12.62 -7.86 4.09
N LEU A 66 -11.32 -7.58 3.90
CA LEU A 66 -10.90 -6.80 2.72
C LEU A 66 -10.54 -7.82 1.64
N TYR A 67 -11.31 -7.82 0.54
CA TYR A 67 -11.07 -8.80 -0.45
C TYR A 67 -10.14 -8.19 -1.51
N ALA A 68 -9.08 -8.96 -1.88
CA ALA A 68 -8.13 -8.43 -2.82
C ALA A 68 -8.85 -8.21 -4.17
N LEU A 69 -8.76 -7.01 -4.73
CA LEU A 69 -9.62 -6.64 -5.83
C LEU A 69 -8.81 -6.34 -7.08
N GLY A 70 -7.64 -5.72 -6.98
CA GLY A 70 -6.76 -5.48 -8.10
C GLY A 70 -5.61 -4.56 -7.77
N THR A 71 -4.79 -4.23 -8.77
CA THR A 71 -3.78 -3.22 -8.72
C THR A 71 -3.86 -2.35 -9.93
N THR A 72 -3.40 -1.12 -9.84
CA THR A 72 -3.24 -0.20 -10.96
C THR A 72 -1.75 0.14 -10.98
N GLN A 73 -1.04 -0.34 -12.01
CA GLN A 73 0.41 -0.29 -12.11
C GLN A 73 0.80 1.00 -12.76
N GLU A 74 1.36 1.89 -11.99
CA GLU A 74 1.94 3.11 -12.55
C GLU A 74 3.36 2.86 -13.00
N SER A 75 4.23 2.36 -12.07
CA SER A 75 5.52 1.88 -12.40
CA SER A 75 5.57 1.88 -12.37
C SER A 75 5.81 0.64 -11.55
N GLY A 76 6.04 -0.48 -12.23
CA GLY A 76 6.33 -1.72 -11.55
C GLY A 76 5.10 -2.51 -11.25
N SER A 77 5.21 -3.38 -10.22
CA SER A 77 4.15 -4.32 -9.88
C SER A 77 4.19 -4.82 -8.49
N MET A 78 3.07 -5.35 -8.03
CA MET A 78 3.02 -6.20 -6.85
C MET A 78 3.60 -7.52 -7.18
N THR A 79 4.78 -7.85 -6.63
CA THR A 79 5.46 -9.07 -7.05
C THR A 79 5.28 -10.28 -6.15
N THR A 80 4.50 -10.17 -5.07
CA THR A 80 4.25 -11.21 -4.10
C THR A 80 2.73 -11.54 -4.04
N VAL A 81 2.40 -12.60 -3.33
CA VAL A 81 1.05 -13.10 -3.31
C VAL A 81 0.06 -12.09 -2.68
N PHE A 82 -1.07 -11.89 -3.33
CA PHE A 82 -2.06 -10.89 -2.96
C PHE A 82 -3.24 -11.57 -2.29
N ALA A 83 -3.39 -11.42 -1.00
CA ALA A 83 -4.35 -12.17 -0.19
C ALA A 83 -5.51 -11.29 0.27
N ASP A 84 -6.66 -11.90 0.44
CA ASP A 84 -7.76 -11.36 1.20
C ASP A 84 -7.33 -11.23 2.68
N ILE A 85 -7.81 -10.18 3.38
CA ILE A 85 -7.45 -9.91 4.72
C ILE A 85 -8.70 -9.98 5.64
N PRO A 86 -8.84 -11.08 6.40
CA PRO A 86 -9.93 -11.12 7.38
C PRO A 86 -9.78 -10.08 8.47
N PRO A 87 -10.93 -9.74 9.12
CA PRO A 87 -10.78 -8.92 10.29
C PRO A 87 -9.74 -9.47 11.25
N LYS A 88 -8.95 -8.55 11.81
CA LYS A 88 -7.92 -8.85 12.81
CA LYS A 88 -7.92 -8.83 12.80
C LYS A 88 -6.66 -9.53 12.21
N SER A 89 -6.59 -9.57 10.86
CA SER A 89 -5.33 -9.92 10.17
C SER A 89 -4.68 -8.72 9.51
N THR A 90 -3.43 -8.94 9.04
CA THR A 90 -2.68 -7.96 8.34
C THR A 90 -2.17 -8.53 7.03
N GLY A 91 -2.51 -7.88 5.95
CA GLY A 91 -2.03 -8.30 4.64
C GLY A 91 -0.63 -7.78 4.46
N VAL A 92 0.24 -8.55 3.81
CA VAL A 92 1.60 -8.12 3.50
C VAL A 92 1.98 -8.43 2.09
N PHE A 93 2.64 -7.51 1.44
CA PHE A 93 3.13 -7.76 0.08
C PHE A 93 4.27 -6.77 -0.26
N VAL A 94 4.87 -6.88 -1.44
CA VAL A 94 5.88 -5.96 -1.88
C VAL A 94 5.56 -5.45 -3.26
N TRP A 95 5.74 -4.17 -3.47
CA TRP A 95 5.65 -3.50 -4.75
C TRP A 95 7.08 -3.18 -5.16
N GLU A 96 7.47 -3.65 -6.37
CA GLU A 96 8.83 -3.41 -6.91
C GLU A 96 8.79 -2.68 -8.24
OH ALY A 97 16.99 -2.39 -10.15
CH ALY A 97 16.00 -2.58 -10.74
CH3 ALY A 97 16.07 -3.75 -11.51
NZ ALY A 97 14.97 -1.73 -10.95
CE ALY A 97 14.71 -0.45 -10.21
CD ALY A 97 13.32 0.13 -10.34
CG ALY A 97 12.33 -0.81 -9.77
CB ALY A 97 10.96 -0.29 -10.02
CA ALY A 97 9.93 -1.34 -9.84
N ALY A 97 9.77 -1.81 -8.49
C ALY A 97 10.22 -2.50 -10.77
O ALY A 97 10.62 -3.61 -10.38
N SER A 98 10.04 -2.26 -12.05
CA SER A 98 10.43 -3.25 -13.06
C SER A 98 11.91 -3.42 -13.17
N ARG A 99 12.29 -4.69 -13.31
CA ARG A 99 13.63 -5.05 -13.43
C ARG A 99 14.25 -4.29 -14.57
N GLY A 100 15.44 -3.78 -14.26
CA GLY A 100 16.15 -2.98 -15.21
C GLY A 100 15.73 -1.57 -15.57
N ALA A 101 14.57 -1.13 -15.10
CA ALA A 101 14.08 0.23 -15.37
C ALA A 101 14.69 1.15 -14.34
N ALA A 102 15.08 2.34 -14.79
CA ALA A 102 15.43 3.47 -13.94
C ALA A 102 14.12 4.31 -13.66
N LYS A 103 13.14 3.59 -13.11
CA LYS A 103 11.83 4.12 -12.77
C LYS A 103 11.52 3.75 -11.34
N GLY A 104 10.44 4.28 -10.82
CA GLY A 104 10.11 4.12 -9.45
C GLY A 104 9.28 2.88 -9.19
N ALA A 105 8.98 2.69 -7.90
CA ALA A 105 7.97 1.73 -7.41
C ALA A 105 6.69 2.47 -7.10
N VAL A 106 5.72 2.45 -7.98
CA VAL A 106 4.58 3.39 -7.88
C VAL A 106 3.32 2.60 -8.28
N GLY A 107 2.39 2.51 -7.36
CA GLY A 107 1.19 1.72 -7.66
C GLY A 107 0.06 2.08 -6.76
N VAL A 108 -1.14 1.64 -7.19
CA VAL A 108 -2.37 1.66 -6.41
C VAL A 108 -2.79 0.20 -6.22
N VAL A 109 -3.17 -0.12 -5.02
CA VAL A 109 -3.66 -1.40 -4.59
C VAL A 109 -5.12 -1.24 -4.17
N HIS A 110 -6.05 -2.13 -4.60
CA HIS A 110 -7.46 -2.00 -4.36
C HIS A 110 -7.93 -3.22 -3.59
N TYR A 111 -8.84 -3.00 -2.67
CA TYR A 111 -9.57 -4.00 -1.94
C TYR A 111 -11.04 -3.69 -1.96
N LYS A 112 -11.89 -4.72 -1.91
CA LYS A 112 -13.30 -4.54 -1.69
C LYS A 112 -13.59 -4.57 -0.21
N TYR A 113 -14.40 -3.60 0.23
CA TYR A 113 -14.88 -3.48 1.60
C TYR A 113 -16.42 -3.37 1.55
N GLY A 114 -17.13 -4.50 1.71
CA GLY A 114 -18.52 -4.53 1.29
C GLY A 114 -18.54 -4.20 -0.20
N ASN A 115 -19.38 -3.22 -0.57
CA ASN A 115 -19.46 -2.83 -1.96
C ASN A 115 -18.61 -1.63 -2.27
N LYS A 116 -17.86 -1.19 -1.25
CA LYS A 116 -16.90 -0.09 -1.41
CA LYS A 116 -16.90 -0.09 -1.38
C LYS A 116 -15.51 -0.60 -1.81
N VAL A 117 -14.69 0.35 -2.22
CA VAL A 117 -13.38 0.06 -2.66
C VAL A 117 -12.40 0.87 -1.78
N LEU A 118 -11.49 0.16 -1.09
CA LEU A 118 -10.34 0.75 -0.40
C LEU A 118 -9.19 0.85 -1.37
N ASN A 119 -8.69 2.04 -1.59
CA ASN A 119 -7.60 2.36 -2.49
C ASN A 119 -6.43 2.83 -1.69
N ILE A 120 -5.27 2.21 -1.86
CA ILE A 120 -4.03 2.59 -1.20
C ILE A 120 -3.01 2.87 -2.30
N MET A 121 -2.17 3.90 -2.10
CA MET A 121 -1.18 4.29 -3.08
C MET A 121 0.10 4.65 -2.38
N ALA A 122 1.20 4.17 -2.97
CA ALA A 122 2.52 4.61 -2.60
C ALA A 122 3.35 4.84 -3.82
N SER A 123 4.31 5.81 -3.71
CA SER A 123 5.12 6.21 -4.80
C SER A 123 6.51 6.51 -4.28
N ILE A 124 7.43 5.67 -4.72
CA ILE A 124 8.89 5.73 -4.43
C ILE A 124 9.59 6.02 -5.73
N PRO A 125 10.20 7.18 -5.88
CA PRO A 125 10.78 7.54 -7.14
C PRO A 125 12.11 6.87 -7.43
N TYR A 126 12.46 6.81 -8.71
CA TYR A 126 13.88 6.58 -9.07
C TYR A 126 14.76 7.78 -8.82
N ASP A 127 14.36 8.91 -9.35
CA ASP A 127 15.21 10.08 -9.33
C ASP A 127 14.81 10.95 -8.17
N TRP A 128 15.44 10.77 -7.00
CA TRP A 128 15.15 11.53 -5.77
C TRP A 128 15.62 12.99 -5.89
N ASN A 129 16.50 13.28 -6.84
CA ASN A 129 16.89 14.69 -7.11
CA ASN A 129 16.86 14.69 -7.05
C ASN A 129 15.68 15.50 -7.62
N LEU A 130 14.82 14.86 -8.42
CA LEU A 130 13.69 15.52 -9.08
C LEU A 130 12.44 15.33 -8.33
N TYR A 131 12.24 14.14 -7.72
CA TYR A 131 10.94 13.80 -7.13
C TYR A 131 11.01 13.47 -5.64
N LYS A 132 9.83 13.46 -5.04
CA LYS A 132 9.58 13.06 -3.68
C LYS A 132 8.74 11.82 -3.67
N ALA A 133 8.70 11.19 -2.49
CA ALA A 133 7.91 10.07 -2.19
C ALA A 133 6.60 10.43 -1.45
N TRP A 134 5.51 9.69 -1.80
CA TRP A 134 4.17 10.06 -1.49
C TRP A 134 3.31 8.87 -1.18
N ALA A 135 2.25 9.06 -0.39
CA ALA A 135 1.27 7.94 -0.20
C ALA A 135 -0.11 8.53 -0.11
N ASN A 136 -1.13 7.72 -0.31
CA ASN A 136 -2.47 8.19 -0.11
C ASN A 136 -3.39 7.02 0.07
N VAL A 137 -4.51 7.29 0.72
CA VAL A 137 -5.55 6.28 0.92
CA VAL A 137 -5.55 6.27 0.91
C VAL A 137 -6.93 6.89 0.67
N HIS A 138 -7.85 6.14 0.07
CA HIS A 138 -9.16 6.69 -0.13
C HIS A 138 -10.18 5.54 -0.24
N LEU A 139 -11.25 5.59 0.56
CA LEU A 139 -12.32 4.63 0.50
C LEU A 139 -13.46 5.26 -0.24
N SER A 140 -13.87 4.66 -1.34
CA SER A 140 -14.92 5.26 -2.21
C SER A 140 -15.70 4.10 -2.85
N ASP A 141 -16.54 4.47 -3.78
CA ASP A 141 -17.33 3.48 -4.51
C ASP A 141 -16.62 2.80 -5.67
N HIS A 142 -15.39 3.20 -5.94
CA HIS A 142 -14.71 2.63 -7.08
C HIS A 142 -13.19 2.67 -7.01
N LYS A 143 -12.54 2.01 -7.94
CA LYS A 143 -11.13 1.95 -8.08
C LYS A 143 -10.74 3.35 -8.53
N GLU A 144 -9.80 3.94 -7.83
CA GLU A 144 -9.33 5.30 -8.15
C GLU A 144 -8.02 5.21 -8.93
N SER A 145 -7.81 6.15 -9.83
CA SER A 145 -6.60 6.18 -10.65
C SER A 145 -5.40 6.66 -9.84
N PHE A 146 -4.22 6.35 -10.31
CA PHE A 146 -3.03 6.96 -9.73
C PHE A 146 -3.13 8.49 -9.76
N SER A 147 -3.48 9.02 -10.92
CA SER A 147 -3.47 10.46 -11.11
C SER A 147 -4.39 11.13 -10.08
N ASP A 148 -5.58 10.62 -9.82
CA ASP A 148 -6.52 11.27 -8.94
C ASP A 148 -5.98 11.17 -7.50
N LEU A 149 -5.21 10.12 -7.17
CA LEU A 149 -4.66 9.95 -5.80
C LEU A 149 -3.41 10.80 -5.65
N TYR A 150 -2.76 11.13 -6.75
CA TYR A 150 -1.54 12.00 -6.63
C TYR A 150 -1.95 13.46 -6.70
N LYS A 151 -3.09 13.76 -7.35
CA LYS A 151 -3.54 15.19 -7.51
C LYS A 151 -4.53 15.67 -6.47
N GLY A 152 -5.16 14.73 -5.75
CA GLY A 152 -6.19 15.04 -4.84
C GLY A 152 -7.47 15.38 -5.58
N LYS A 153 -7.94 14.52 -6.52
CA LYS A 153 -9.10 14.82 -7.29
C LYS A 153 -10.10 13.66 -7.12
N ASN A 154 -11.31 13.94 -7.56
CA ASN A 154 -12.41 12.94 -7.52
CA ASN A 154 -12.54 13.15 -7.51
C ASN A 154 -12.84 12.53 -6.11
N GLY A 155 -12.51 13.35 -5.09
CA GLY A 155 -12.76 13.07 -3.68
C GLY A 155 -11.56 12.67 -2.83
N ALA A 156 -10.48 12.21 -3.49
CA ALA A 156 -9.26 11.97 -2.75
C ALA A 156 -8.70 13.30 -2.18
N LYS A 157 -8.06 13.19 -1.03
CA LYS A 157 -7.23 14.26 -0.49
C LYS A 157 -5.94 14.39 -1.30
N TYR A 158 -5.33 15.55 -1.18
CA TYR A 158 -3.95 15.75 -1.59
C TYR A 158 -3.07 14.67 -0.90
N PRO A 159 -2.12 14.08 -1.65
CA PRO A 159 -1.29 13.02 -1.06
C PRO A 159 -0.39 13.51 0.10
N THR A 160 -0.01 12.52 0.89
CA THR A 160 0.80 12.71 2.08
C THR A 160 2.27 12.45 1.69
N ARG A 161 3.17 13.34 2.10
CA ARG A 161 4.59 13.19 1.81
C ARG A 161 5.17 12.08 2.71
N ALA A 162 6.07 11.26 2.14
CA ALA A 162 6.76 10.24 2.93
C ALA A 162 7.38 10.83 4.20
N GLY A 163 7.36 10.04 5.26
CA GLY A 163 7.98 10.40 6.52
C GLY A 163 6.99 11.04 7.48
N ASN A 164 5.70 11.11 7.08
CA ASN A 164 4.65 11.72 7.87
C ASN A 164 3.45 10.79 8.06
N TRP A 165 2.97 10.67 9.28
CA TRP A 165 1.72 9.99 9.51
C TRP A 165 0.59 10.78 8.84
N GLY A 166 -0.20 10.09 7.99
CA GLY A 166 -1.43 10.59 7.36
C GLY A 166 -2.66 9.94 7.97
N GLU A 167 -3.81 10.62 7.86
CA GLU A 167 -5.07 10.04 8.26
C GLU A 167 -6.15 10.59 7.35
N VAL A 168 -6.86 9.71 6.60
CA VAL A 168 -8.00 10.07 5.75
C VAL A 168 -9.16 9.19 6.16
N ASP A 169 -10.27 9.85 6.55
CA ASP A 169 -11.50 9.14 6.97
C ASP A 169 -11.19 8.07 8.00
N GLY A 170 -10.29 8.39 8.92
CA GLY A 170 -9.94 7.46 9.99
C GLY A 170 -9.03 6.31 9.69
N THR A 171 -8.55 6.30 8.47
CA THR A 171 -7.50 5.31 8.10
C THR A 171 -6.17 6.00 8.26
N LYS A 172 -5.27 5.34 9.03
CA LYS A 172 -3.98 5.96 9.29
C LYS A 172 -2.90 5.27 8.40
N PHE A 173 -1.91 6.00 7.95
CA PHE A 173 -0.89 5.43 7.07
C PHE A 173 0.42 6.23 7.16
N PHE A 174 1.48 5.54 6.74
CA PHE A 174 2.83 6.04 6.79
C PHE A 174 3.68 5.40 5.73
N LEU A 175 4.48 6.18 5.03
CA LEU A 175 5.43 5.61 4.07
C LEU A 175 6.81 6.12 4.40
N THR A 176 7.76 5.20 4.63
CA THR A 176 9.13 5.72 4.94
C THR A 176 9.74 6.40 3.70
N GLU A 177 10.60 7.38 3.93
CA GLU A 177 11.26 8.12 2.89
C GLU A 177 12.55 7.43 2.54
N LYS A 178 12.41 6.39 1.75
CA LYS A 178 13.49 5.47 1.44
C LYS A 178 13.33 4.92 0.06
N SER A 179 14.48 4.63 -0.58
CA SER A 179 14.41 3.77 -1.76
C SER A 179 13.86 2.40 -1.52
N HIS A 180 13.98 1.92 -0.30
CA HIS A 180 13.61 0.60 0.12
C HIS A 180 12.70 0.78 1.28
N ALA A 181 11.46 1.05 0.91
CA ALA A 181 10.47 1.63 1.84
C ALA A 181 9.53 0.62 2.51
N GLU A 182 8.79 1.16 3.45
CA GLU A 182 7.73 0.51 4.19
C GLU A 182 6.52 1.39 4.18
N PHE A 183 5.41 0.83 3.75
CA PHE A 183 4.10 1.45 3.70
C PHE A 183 3.15 0.74 4.62
N LYS A 184 2.70 1.41 5.67
CA LYS A 184 1.86 0.87 6.71
C LYS A 184 0.46 1.49 6.57
N VAL A 185 -0.58 0.69 6.62
CA VAL A 185 -1.97 1.16 6.51
C VAL A 185 -2.76 0.49 7.59
N ILE A 186 -3.42 1.29 8.46
CA ILE A 186 -4.31 0.68 9.47
CA ILE A 186 -4.27 0.74 9.48
C ILE A 186 -5.73 1.15 9.22
N PHE A 187 -6.54 0.16 8.86
CA PHE A 187 -7.90 0.41 8.37
C PHE A 187 -8.86 -0.06 9.40
N SER A 188 -9.91 0.79 9.66
CA SER A 188 -10.86 0.44 10.69
C SER A 188 -12.31 0.56 10.23
N GLY A 189 -12.52 0.64 8.91
CA GLY A 189 -13.85 0.79 8.39
C GLY A 189 -14.13 2.14 7.75
C FMT B . 11.07 8.58 -11.36
O1 FMT B . 12.23 8.99 -11.29
O2 FMT B . 10.36 8.14 -10.32
C FMT C . 6.44 5.14 11.93
O1 FMT C . 6.14 3.98 12.26
O2 FMT C . 6.64 6.09 12.89
C FMT D . -12.41 -5.84 -11.36
O1 FMT D . -11.77 -5.81 -10.28
O2 FMT D . -13.27 -6.85 -11.76
C1 GOL E . 16.80 7.11 -0.68
O1 GOL E . 16.89 6.07 0.33
C2 GOL E . 16.88 8.60 -0.32
O2 GOL E . 18.04 8.92 0.51
C3 GOL E . 15.59 9.15 0.30
O3 GOL E . 15.76 10.59 0.53
C1 GOL F . -3.26 -7.10 -11.87
O1 GOL F . -3.54 -6.37 -10.65
C2 GOL F . -2.35 -6.25 -12.72
O2 GOL F . -2.79 -4.83 -12.81
C3 GOL F . -2.31 -7.06 -14.02
O3 GOL F . -2.83 -6.31 -15.08
C1 GOL G . -0.20 1.74 16.43
O1 GOL G . 0.74 2.29 17.39
C2 GOL G . -0.33 0.19 16.31
O2 GOL G . -1.36 -0.41 17.13
C3 GOL G . -0.72 -0.12 14.88
O3 GOL G . -0.39 -1.46 14.50
#